data_4WXV
#
_entry.id   4WXV
#
_cell.length_a   42.853
_cell.length_b   56.575
_cell.length_c   228.580
_cell.angle_alpha   90.000
_cell.angle_beta   90.000
_cell.angle_gamma   90.000
#
_symmetry.space_group_name_H-M   'P 21 21 21'
#
loop_
_entity.id
_entity.type
_entity.pdbx_description
1 polymer Trypsin-1
2 polymer 'Pancreatic trypsin inhibitor'
3 non-polymer 'CALCIUM ION'
4 non-polymer 'SULFATE ION'
5 water water
#
loop_
_entity_poly.entity_id
_entity_poly.type
_entity_poly.pdbx_seq_one_letter_code
_entity_poly.pdbx_strand_id
1 'polypeptide(L)'
;IVGGYNCEENSVPYQVSLNSGYHFCGGSLINEQWVVSAGHCYKSRIQVRLGEHNIEVLEGNEQFINAAKIIRHPQYDRDT
LNNDIMLIKLSSRAVINAHVSTISLPTAPPATGTKCLISGWGNTASSGADYPDELQCLDAPVLSQAKCEASYPGKITSNM
FCVGFLEGGKDSCQGDAGGPVVCNGQLQGVVSWGDGCAQKNKPGVYTKVYNYVKWIKNTIAANS
;
A,B
2 'polypeptide(L)' RPDFCLEPPYTGPCKARIIRYFYNAKAGLCQTFVYGGCRAKRNNFKSAEDCMRTC C,I
#
loop_
_chem_comp.id
_chem_comp.type
_chem_comp.name
_chem_comp.formula
CA non-polymer 'CALCIUM ION' 'Ca 2'
SO4 non-polymer 'SULFATE ION' 'O4 S -2'
#
# COMPACT_ATOMS: atom_id res chain seq x y z
N ILE A 1 3.29 10.03 -0.40
CA ILE A 1 2.03 9.26 -0.60
C ILE A 1 2.31 7.85 -0.09
N VAL A 2 1.70 7.55 1.06
CA VAL A 2 1.79 6.22 1.61
C VAL A 2 0.62 5.34 1.01
N GLY A 3 1.01 4.18 0.52
CA GLY A 3 0.05 3.19 0.00
C GLY A 3 -0.44 3.47 -1.38
N GLY A 4 0.36 4.21 -2.17
CA GLY A 4 0.03 4.67 -3.49
C GLY A 4 0.71 3.79 -4.51
N TYR A 5 0.83 4.27 -5.75
CA TYR A 5 1.50 3.60 -6.83
C TYR A 5 2.19 4.69 -7.68
N ASN A 6 3.26 4.34 -8.41
CA ASN A 6 3.85 5.22 -9.42
C ASN A 6 2.77 5.73 -10.33
N CYS A 7 2.67 7.04 -10.52
CA CYS A 7 1.75 7.55 -11.54
C CYS A 7 2.40 7.21 -12.84
N GLU A 8 1.58 7.01 -13.87
CA GLU A 8 2.11 6.83 -15.24
C GLU A 8 2.95 8.06 -15.56
N GLU A 9 3.93 7.93 -16.46
CA GLU A 9 4.80 9.09 -16.76
C GLU A 9 3.91 10.24 -17.26
N ASN A 10 4.16 11.45 -16.71
CA ASN A 10 3.36 12.63 -17.01
C ASN A 10 1.80 12.35 -17.20
N SER A 11 1.15 11.70 -16.21
CA SER A 11 -0.36 11.50 -16.19
C SER A 11 -1.06 12.51 -15.24
N VAL A 12 -0.27 13.37 -14.60
CA VAL A 12 -0.75 14.39 -13.67
C VAL A 12 -0.02 15.63 -14.11
N PRO A 13 -0.45 16.22 -15.24
CA PRO A 13 0.34 17.25 -15.86
C PRO A 13 0.27 18.55 -15.11
N TYR A 14 -0.62 18.63 -14.13
CA TYR A 14 -0.85 19.83 -13.33
C TYR A 14 -0.02 19.84 -12.05
N GLN A 15 0.60 18.71 -11.74
CA GLN A 15 1.36 18.60 -10.54
C GLN A 15 2.66 19.38 -10.71
N VAL A 16 3.00 20.19 -9.70
CA VAL A 16 4.37 20.77 -9.63
C VAL A 16 5.12 20.40 -8.40
N SER A 17 6.45 20.47 -8.52
CA SER A 17 7.36 20.37 -7.42
C SER A 17 7.86 21.77 -7.09
N LEU A 18 7.81 22.10 -5.82
CA LEU A 18 8.48 23.34 -5.32
C LEU A 18 9.87 22.96 -4.76
N ASN A 19 10.88 23.74 -5.13
CA ASN A 19 12.27 23.43 -4.88
C ASN A 19 13.05 24.61 -4.34
N SER A 20 13.76 24.39 -3.27
CA SER A 20 14.62 25.40 -2.62
C SER A 20 16.05 24.89 -2.59
N GLY A 21 16.52 24.24 -3.65
CA GLY A 21 17.72 23.38 -3.55
C GLY A 21 17.39 21.89 -3.44
N TYR A 22 16.13 21.59 -3.15
CA TYR A 22 15.64 20.25 -3.03
C TYR A 22 14.09 20.36 -3.00
N HIS A 23 13.44 19.25 -3.22
CA HIS A 23 11.99 19.23 -3.30
C HIS A 23 11.45 19.36 -1.91
N PHE A 24 10.60 20.35 -1.69
CA PHE A 24 10.08 20.53 -0.34
C PHE A 24 8.54 20.51 -0.19
N CYS A 25 7.85 20.77 -1.29
CA CYS A 25 6.40 20.79 -1.30
C CYS A 25 5.94 20.54 -2.70
N GLY A 26 4.62 20.34 -2.85
CA GLY A 26 3.97 20.23 -4.11
C GLY A 26 3.17 21.47 -4.35
N GLY A 27 2.54 21.49 -5.51
CA GLY A 27 1.60 22.50 -5.93
C GLY A 27 0.81 21.99 -7.14
N SER A 28 -0.07 22.85 -7.64
CA SER A 28 -1.01 22.58 -8.71
C SER A 28 -0.97 23.79 -9.69
N LEU A 29 -0.82 23.52 -10.97
CA LEU A 29 -0.86 24.64 -11.93
C LEU A 29 -2.32 24.91 -12.25
N ILE A 30 -2.81 26.11 -11.95
CA ILE A 30 -4.24 26.45 -12.18
C ILE A 30 -4.41 27.48 -13.30
N ASN A 31 -3.41 28.30 -13.56
CA ASN A 31 -3.32 28.81 -14.91
C ASN A 31 -1.91 28.93 -15.39
N GLU A 32 -1.77 29.30 -16.66
CA GLU A 32 -0.47 29.41 -17.30
C GLU A 32 0.56 30.20 -16.47
N GLN A 33 0.14 31.05 -15.55
CA GLN A 33 1.11 31.79 -14.69
C GLN A 33 0.99 31.63 -13.18
N TRP A 34 0.08 30.78 -12.73
CA TRP A 34 -0.21 30.69 -11.31
C TRP A 34 -0.32 29.24 -10.83
N VAL A 35 0.25 29.04 -9.67
CA VAL A 35 0.25 27.79 -8.97
C VAL A 35 -0.36 28.01 -7.56
N VAL A 36 -1.19 27.06 -7.14
CA VAL A 36 -1.75 27.03 -5.81
C VAL A 36 -0.94 25.99 -5.05
N SER A 37 -0.64 26.33 -3.80
CA SER A 37 0.01 25.43 -2.85
C SER A 37 -0.49 25.77 -1.42
N ALA A 38 0.06 25.14 -0.40
CA ALA A 38 -0.28 25.40 0.99
C ALA A 38 0.51 26.58 1.57
N GLY A 39 -0.09 27.26 2.55
CA GLY A 39 0.53 28.36 3.27
C GLY A 39 1.76 27.99 4.07
N HIS A 40 1.84 26.78 4.58
CA HIS A 40 3.03 26.43 5.36
C HIS A 40 4.19 25.97 4.51
N CYS A 41 3.95 25.76 3.21
CA CYS A 41 5.01 25.71 2.22
C CYS A 41 5.68 27.07 1.83
N TYR A 42 5.28 28.18 2.44
CA TYR A 42 5.84 29.51 2.12
C TYR A 42 7.35 29.55 2.26
N LYS A 43 8.01 30.16 1.30
CA LYS A 43 9.40 30.67 1.49
C LYS A 43 9.54 31.83 0.58
N SER A 44 10.51 32.71 0.83
CA SER A 44 10.58 33.95 0.09
C SER A 44 11.11 33.72 -1.32
N ARG A 45 11.86 32.63 -1.54
CA ARG A 45 12.30 32.26 -2.90
C ARG A 45 11.95 30.80 -3.20
N ILE A 46 11.35 30.54 -4.36
CA ILE A 46 10.95 29.19 -4.72
C ILE A 46 11.15 29.06 -6.22
N GLN A 47 11.70 27.92 -6.61
CA GLN A 47 11.76 27.53 -8.00
C GLN A 47 10.62 26.53 -8.21
N VAL A 48 9.76 26.78 -9.20
CA VAL A 48 8.63 25.91 -9.55
C VAL A 48 9.08 24.97 -10.70
N ARG A 49 8.90 23.65 -10.50
CA ARG A 49 9.31 22.63 -11.45
C ARG A 49 8.08 21.87 -12.00
N LEU A 50 7.80 22.14 -13.27
CA LEU A 50 6.66 21.62 -13.98
C LEU A 50 7.07 20.55 -14.96
N GLY A 51 6.14 19.64 -15.26
CA GLY A 51 6.40 18.57 -16.22
C GLY A 51 7.38 17.53 -15.68
N GLU A 52 7.59 17.52 -14.35
CA GLU A 52 8.45 16.55 -13.68
C GLU A 52 7.70 15.24 -13.59
N HIS A 53 8.47 14.14 -13.57
CA HIS A 53 7.97 12.84 -13.14
C HIS A 53 8.94 12.21 -12.17
N ASN A 54 10.19 12.14 -12.57
CA ASN A 54 11.27 11.76 -11.73
C ASN A 54 12.07 12.98 -11.34
N ILE A 55 12.01 13.37 -10.06
CA ILE A 55 12.60 14.65 -9.65
C ILE A 55 14.12 14.66 -9.57
N GLU A 56 14.75 13.48 -9.55
CA GLU A 56 16.17 13.28 -9.59
C GLU A 56 16.77 13.44 -11.01
N VAL A 57 15.98 13.20 -12.04
CA VAL A 57 16.52 13.02 -13.41
C VAL A 57 15.94 14.10 -14.29
N LEU A 58 16.78 14.81 -15.06
CA LEU A 58 16.32 15.69 -16.11
C LEU A 58 15.92 14.83 -17.28
N GLU A 59 14.62 14.72 -17.55
CA GLU A 59 14.08 13.82 -18.58
C GLU A 59 14.08 14.55 -19.91
N GLY A 60 13.92 15.88 -19.87
CA GLY A 60 13.79 16.69 -21.09
C GLY A 60 12.44 17.31 -21.31
N ASN A 61 11.51 17.10 -20.38
CA ASN A 61 10.23 17.83 -20.41
C ASN A 61 10.03 18.95 -19.36
N GLU A 62 11.01 19.13 -18.50
CA GLU A 62 10.84 19.94 -17.32
C GLU A 62 10.90 21.41 -17.70
N GLN A 63 10.06 22.23 -17.07
CA GLN A 63 10.28 23.68 -17.08
C GLN A 63 10.54 24.11 -15.67
N PHE A 64 11.64 24.85 -15.49
CA PHE A 64 12.09 25.29 -14.20
C PHE A 64 11.91 26.79 -14.20
N ILE A 65 10.91 27.26 -13.47
CA ILE A 65 10.51 28.63 -13.52
C ILE A 65 10.50 29.20 -12.11
N ASN A 66 11.30 30.26 -11.91
CA ASN A 66 11.24 31.03 -10.69
C ASN A 66 9.85 31.66 -10.34
N ALA A 67 9.61 31.75 -9.03
CA ALA A 67 8.41 32.35 -8.47
C ALA A 67 8.67 33.85 -8.43
N ALA A 68 7.90 34.64 -9.17
CA ALA A 68 8.08 36.07 -9.14
C ALA A 68 7.33 36.71 -7.96
N LYS A 69 6.17 36.17 -7.61
CA LYS A 69 5.46 36.61 -6.42
C LYS A 69 4.98 35.40 -5.65
N ILE A 70 4.94 35.52 -4.34
CA ILE A 70 4.64 34.41 -3.46
C ILE A 70 3.72 34.99 -2.41
N ILE A 71 2.44 34.64 -2.54
CA ILE A 71 1.40 35.31 -1.81
C ILE A 71 0.62 34.29 -0.98
N ARG A 72 1.03 34.16 0.27
CA ARG A 72 0.33 33.35 1.25
C ARG A 72 -1.01 33.98 1.64
N HIS A 73 -1.99 33.16 2.00
CA HIS A 73 -3.24 33.76 2.43
C HIS A 73 -2.98 34.66 3.67
N PRO A 74 -3.53 35.89 3.66
CA PRO A 74 -3.05 36.88 4.69
C PRO A 74 -3.48 36.51 6.12
N GLN A 75 -4.58 35.76 6.21
CA GLN A 75 -5.01 35.15 7.48
C GLN A 75 -4.67 33.67 7.63
N TYR A 76 -3.66 33.21 6.93
CA TYR A 76 -3.05 31.93 7.25
C TYR A 76 -2.73 31.92 8.74
N ASP A 77 -3.10 30.88 9.47
CA ASP A 77 -2.78 30.76 10.91
C ASP A 77 -1.85 29.61 11.15
N ARG A 78 -0.58 29.90 11.46
CA ARG A 78 0.42 28.88 11.70
C ARG A 78 0.09 27.90 12.81
N ASP A 79 -0.71 28.32 13.78
CA ASP A 79 -1.03 27.42 14.88
C ASP A 79 -2.14 26.44 14.53
N THR A 80 -3.21 26.89 13.85
CA THR A 80 -4.37 25.99 13.57
C THR A 80 -4.44 25.48 12.14
N LEU A 81 -3.66 26.09 11.26
CA LEU A 81 -3.49 25.74 9.86
C LEU A 81 -4.76 26.15 9.12
N ASN A 82 -5.55 27.02 9.74
CA ASN A 82 -6.71 27.56 9.02
C ASN A 82 -6.19 28.46 7.90
N ASN A 83 -6.90 28.44 6.77
CA ASN A 83 -6.49 29.20 5.57
C ASN A 83 -5.05 28.84 5.11
N ASP A 84 -4.76 27.54 5.06
CA ASP A 84 -3.52 26.97 4.55
C ASP A 84 -3.45 26.91 3.01
N ILE A 85 -3.30 28.09 2.42
CA ILE A 85 -3.27 28.20 0.98
C ILE A 85 -2.39 29.37 0.60
N MET A 86 -1.84 29.26 -0.60
CA MET A 86 -0.80 30.16 -1.05
C MET A 86 -0.89 30.15 -2.55
N LEU A 87 -0.69 31.33 -3.14
CA LEU A 87 -0.54 31.49 -4.60
C LEU A 87 0.87 31.89 -5.01
N ILE A 88 1.30 31.34 -6.13
CA ILE A 88 2.61 31.65 -6.66
C ILE A 88 2.38 32.10 -8.10
N LYS A 89 2.84 33.29 -8.41
CA LYS A 89 2.87 33.74 -9.82
C LYS A 89 4.26 33.38 -10.37
N LEU A 90 4.25 32.71 -11.50
CA LEU A 90 5.51 32.34 -12.14
C LEU A 90 6.08 33.55 -12.84
N SER A 91 7.40 33.59 -12.91
CA SER A 91 8.08 34.66 -13.58
C SER A 91 7.83 34.67 -15.10
N SER A 92 7.56 33.51 -15.70
CA SER A 92 7.11 33.47 -17.11
C SER A 92 5.96 32.53 -17.26
N ARG A 93 5.32 32.53 -18.40
CA ARG A 93 4.21 31.60 -18.63
C ARG A 93 4.72 30.19 -18.76
N ALA A 94 3.99 29.28 -18.17
CA ALA A 94 4.24 27.88 -18.46
C ALA A 94 3.82 27.60 -19.94
N VAL A 95 4.66 26.85 -20.66
CA VAL A 95 4.35 26.37 -21.99
C VAL A 95 3.44 25.17 -21.79
N ILE A 96 2.18 25.33 -22.17
CA ILE A 96 1.18 24.26 -22.11
C ILE A 96 1.47 23.24 -23.20
N ASN A 97 1.64 22.00 -22.79
CA ASN A 97 1.89 20.95 -23.72
C ASN A 97 1.35 19.72 -23.04
N ALA A 98 1.74 18.56 -23.51
CA ALA A 98 1.12 17.33 -23.03
C ALA A 98 1.56 16.90 -21.60
N HIS A 99 2.75 17.35 -21.17
CA HIS A 99 3.29 17.07 -19.84
C HIS A 99 3.04 18.20 -18.80
N VAL A 100 2.52 19.34 -19.28
CA VAL A 100 2.22 20.49 -18.45
C VAL A 100 0.88 21.12 -18.85
N SER A 101 -0.05 21.12 -17.93
CA SER A 101 -1.32 21.78 -18.17
C SER A 101 -1.99 22.07 -16.86
N THR A 102 -3.11 22.79 -16.94
CA THR A 102 -3.75 23.37 -15.80
C THR A 102 -4.85 22.46 -15.26
N ILE A 103 -5.21 22.66 -14.01
CA ILE A 103 -6.35 21.95 -13.47
C ILE A 103 -7.36 23.00 -13.13
N SER A 104 -8.61 22.69 -13.37
CA SER A 104 -9.72 23.61 -13.13
C SER A 104 -9.95 23.77 -11.66
N LEU A 105 -10.44 24.95 -11.31
CA LEU A 105 -10.93 25.22 -9.99
C LEU A 105 -12.27 24.58 -9.74
N PRO A 106 -12.53 24.26 -8.49
CA PRO A 106 -13.74 23.54 -8.17
C PRO A 106 -14.94 24.45 -8.40
N THR A 107 -16.08 23.90 -8.81
CA THR A 107 -17.30 24.69 -8.97
C THR A 107 -18.30 24.44 -7.83
N ALA A 108 -18.04 23.45 -6.97
CA ALA A 108 -18.86 23.19 -5.79
C ALA A 108 -17.91 22.59 -4.79
N PRO A 109 -18.29 22.57 -3.49
CA PRO A 109 -17.51 21.91 -2.40
C PRO A 109 -17.37 20.41 -2.56
N PRO A 110 -16.45 19.78 -1.81
CA PRO A 110 -16.18 18.36 -2.01
C PRO A 110 -17.39 17.53 -1.71
N ALA A 111 -17.66 16.47 -2.42
CA ALA A 111 -18.85 15.66 -2.04
C ALA A 111 -18.47 14.29 -1.52
N THR A 112 -18.98 14.01 -0.34
CA THR A 112 -18.68 12.84 0.47
C THR A 112 -18.83 11.63 -0.41
N GLY A 113 -17.87 10.71 -0.28
CA GLY A 113 -17.82 9.48 -1.06
C GLY A 113 -17.08 9.63 -2.38
N THR A 114 -16.95 10.84 -2.92
CA THR A 114 -16.30 11.02 -4.22
C THR A 114 -14.88 10.53 -4.15
N LYS A 115 -14.49 9.82 -5.20
CA LYS A 115 -13.17 9.23 -5.32
C LYS A 115 -12.23 10.26 -5.93
N CYS A 116 -11.14 10.60 -5.23
CA CYS A 116 -10.23 11.63 -5.67
C CYS A 116 -8.81 11.06 -5.88
N LEU A 117 -8.03 11.74 -6.70
CA LEU A 117 -6.66 11.37 -6.87
C LEU A 117 -5.76 12.40 -6.16
N ILE A 118 -4.88 11.89 -5.31
CA ILE A 118 -3.90 12.65 -4.59
C ILE A 118 -2.50 12.27 -5.07
N SER A 119 -1.62 13.26 -5.25
CA SER A 119 -0.32 12.99 -5.86
C SER A 119 0.78 13.77 -5.17
N GLY A 120 2.00 13.24 -5.25
CA GLY A 120 3.15 13.84 -4.59
C GLY A 120 4.43 13.03 -4.59
N TRP A 121 5.51 13.68 -4.21
CA TRP A 121 6.81 13.02 -4.04
C TRP A 121 7.17 12.90 -2.53
N GLY A 122 6.14 12.81 -1.70
CA GLY A 122 6.35 12.70 -0.25
C GLY A 122 6.69 11.30 0.16
N ASN A 123 7.02 11.17 1.46
CA ASN A 123 7.40 9.91 2.09
C ASN A 123 6.38 8.80 1.73
N THR A 124 6.86 7.63 1.35
CA THR A 124 5.98 6.48 1.10
C THR A 124 5.94 5.54 2.27
N ALA A 125 6.65 5.82 3.37
CA ALA A 125 6.58 4.96 4.57
C ALA A 125 5.72 5.59 5.69
N SER A 126 4.84 4.81 6.30
CA SER A 126 4.04 5.26 7.48
C SER A 126 4.88 5.48 8.76
N SER A 127 6.02 4.80 8.85
CA SER A 127 7.06 5.04 9.89
C SER A 127 8.39 4.99 9.22
N GLY A 128 9.34 5.80 9.67
CA GLY A 128 10.64 5.89 8.98
C GLY A 128 10.59 6.75 7.74
N ALA A 129 11.60 6.65 6.88
CA ALA A 129 11.69 7.51 5.70
C ALA A 129 12.02 6.76 4.39
N ASP A 130 11.12 6.87 3.41
CA ASP A 130 11.32 6.28 2.10
C ASP A 130 10.79 7.26 1.05
N TYR A 131 11.63 8.22 0.67
CA TYR A 131 11.26 9.28 -0.25
C TYR A 131 11.52 8.87 -1.69
N PRO A 132 10.49 8.91 -2.59
CA PRO A 132 10.67 8.33 -3.91
C PRO A 132 11.17 9.35 -4.93
N ASP A 133 11.80 8.86 -5.99
CA ASP A 133 12.07 9.63 -7.19
C ASP A 133 10.85 9.86 -8.06
N GLU A 134 10.06 8.82 -8.25
CA GLU A 134 8.89 8.84 -9.16
C GLU A 134 7.67 9.37 -8.45
N LEU A 135 6.90 10.19 -9.15
CA LEU A 135 5.68 10.75 -8.64
C LEU A 135 4.74 9.66 -8.25
N GLN A 136 4.14 9.80 -7.06
CA GLN A 136 3.27 8.80 -6.49
C GLN A 136 1.80 9.28 -6.56
N CYS A 137 0.91 8.35 -6.85
CA CYS A 137 -0.52 8.59 -6.97
C CYS A 137 -1.32 7.73 -5.99
N LEU A 138 -2.47 8.22 -5.60
CA LEU A 138 -3.33 7.52 -4.65
C LEU A 138 -4.79 7.94 -4.82
N ASP A 139 -5.62 6.94 -4.99
CA ASP A 139 -7.08 7.09 -5.08
C ASP A 139 -7.67 7.02 -3.68
N ALA A 140 -8.47 8.01 -3.30
CA ALA A 140 -9.03 8.05 -1.96
C ALA A 140 -10.33 8.81 -1.92
N PRO A 141 -11.30 8.38 -1.08
CA PRO A 141 -12.55 9.10 -0.97
C PRO A 141 -12.60 10.24 0.05
N VAL A 142 -13.42 11.25 -0.27
CA VAL A 142 -13.84 12.31 0.62
C VAL A 142 -14.65 11.75 1.77
N LEU A 143 -14.29 12.16 2.97
CA LEU A 143 -14.94 11.64 4.17
C LEU A 143 -15.96 12.64 4.68
N SER A 144 -16.89 12.16 5.49
CA SER A 144 -17.96 13.03 5.94
C SER A 144 -17.34 13.97 6.95
N GLN A 145 -18.11 15.00 7.29
CA GLN A 145 -17.59 16.02 8.21
C GLN A 145 -17.62 15.44 9.64
N ALA A 146 -18.62 14.61 9.91
CA ALA A 146 -18.73 13.91 11.18
C ALA A 146 -17.48 13.07 11.40
N LYS A 147 -17.02 12.33 10.40
CA LYS A 147 -15.81 11.52 10.57
C LYS A 147 -14.57 12.37 10.72
N CYS A 148 -14.54 13.46 9.97
CA CYS A 148 -13.40 14.33 10.01
C CYS A 148 -13.26 14.90 11.42
N GLU A 149 -14.36 15.43 11.93
CA GLU A 149 -14.48 15.96 13.30
C GLU A 149 -14.20 14.94 14.41
N ALA A 150 -14.81 13.74 14.32
CA ALA A 150 -14.46 12.65 15.24
C ALA A 150 -12.94 12.33 15.24
N SER A 151 -12.32 12.36 14.08
CA SER A 151 -10.87 12.13 13.97
C SER A 151 -10.01 13.24 14.61
N TYR A 152 -10.44 14.51 14.48
CA TYR A 152 -9.66 15.66 14.96
C TYR A 152 -10.52 16.65 15.72
N PRO A 153 -11.08 16.22 16.90
CA PRO A 153 -12.09 17.05 17.54
C PRO A 153 -11.57 18.50 17.82
N GLY A 154 -12.34 19.48 17.40
CA GLY A 154 -12.05 20.88 17.74
C GLY A 154 -10.99 21.43 16.80
N LYS A 155 -10.45 20.61 15.91
CA LYS A 155 -9.33 21.09 15.08
C LYS A 155 -9.72 21.37 13.65
N ILE A 156 -10.94 21.04 13.24
CA ILE A 156 -11.32 21.16 11.85
C ILE A 156 -12.17 22.40 11.66
N THR A 157 -11.79 23.32 10.76
CA THR A 157 -12.64 24.45 10.47
C THR A 157 -13.40 24.14 9.26
N SER A 158 -14.37 24.98 8.92
CA SER A 158 -15.12 24.83 7.68
C SER A 158 -14.24 24.99 6.43
N ASN A 159 -13.01 25.46 6.58
CA ASN A 159 -12.04 25.43 5.49
C ASN A 159 -11.20 24.21 5.27
N MET A 160 -11.50 23.11 5.97
CA MET A 160 -10.75 21.83 5.90
C MET A 160 -11.68 20.70 5.57
N PHE A 161 -11.16 19.62 4.96
CA PHE A 161 -11.87 18.40 4.91
C PHE A 161 -10.92 17.22 4.91
N CYS A 162 -11.50 16.05 5.11
CA CYS A 162 -10.74 14.84 5.26
C CYS A 162 -10.99 13.99 4.04
N VAL A 163 -9.91 13.38 3.55
CA VAL A 163 -9.85 12.42 2.49
C VAL A 163 -8.94 11.28 2.95
N GLY A 164 -9.49 10.08 2.93
CA GLY A 164 -8.71 8.91 3.05
C GLY A 164 -9.50 7.76 3.64
N PHE A 165 -8.84 7.06 4.53
CA PHE A 165 -9.30 5.80 5.08
C PHE A 165 -9.11 5.74 6.60
N LEU A 166 -10.18 5.49 7.35
CA LEU A 166 -10.11 5.40 8.81
C LEU A 166 -9.31 4.17 9.23
N GLU A 167 -9.25 3.16 8.39
CA GLU A 167 -8.50 1.98 8.74
C GLU A 167 -6.99 2.16 8.61
N GLY A 168 -6.53 3.27 8.04
CA GLY A 168 -5.09 3.54 7.97
C GLY A 168 -4.49 2.90 6.73
N GLY A 169 -3.20 3.13 6.54
CA GLY A 169 -2.46 2.46 5.49
C GLY A 169 -2.32 3.23 4.22
N LYS A 170 -3.10 4.29 4.00
CA LYS A 170 -3.07 5.00 2.73
C LYS A 170 -3.32 6.44 3.07
N ASP A 171 -2.44 7.33 2.64
CA ASP A 171 -2.49 8.77 3.07
C ASP A 171 -1.43 9.57 2.34
N SER A 172 -1.57 10.91 2.36
CA SER A 172 -0.52 11.80 1.96
C SER A 172 0.48 11.94 3.14
N CYS A 173 1.70 12.40 2.89
CA CYS A 173 2.70 12.48 3.91
C CYS A 173 3.66 13.63 3.66
N GLN A 174 4.71 13.68 4.49
CA GLN A 174 5.68 14.77 4.44
C GLN A 174 6.32 14.78 3.11
N GLY A 175 6.27 15.97 2.49
CA GLY A 175 6.72 16.14 1.12
C GLY A 175 5.63 16.26 0.11
N ASP A 176 4.41 15.95 0.54
CA ASP A 176 3.20 16.09 -0.25
C ASP A 176 2.45 17.41 -0.05
N ALA A 177 2.74 18.16 1.02
CA ALA A 177 2.00 19.40 1.19
C ALA A 177 2.04 20.32 0.00
N GLY A 178 0.89 20.89 -0.25
CA GLY A 178 0.68 21.83 -1.28
C GLY A 178 0.18 21.17 -2.55
N GLY A 179 0.20 19.84 -2.61
CA GLY A 179 -0.10 19.19 -3.87
C GLY A 179 -1.56 19.00 -3.99
N PRO A 180 -2.02 18.44 -5.10
CA PRO A 180 -3.45 18.41 -5.42
C PRO A 180 -4.25 17.26 -4.89
N VAL A 181 -5.51 17.53 -4.61
CA VAL A 181 -6.50 16.48 -4.40
C VAL A 181 -7.52 16.77 -5.49
N VAL A 182 -7.65 15.86 -6.45
CA VAL A 182 -8.43 16.14 -7.65
C VAL A 182 -9.59 15.15 -7.77
N CYS A 183 -10.79 15.68 -7.95
CA CYS A 183 -12.00 14.84 -7.99
C CYS A 183 -12.84 15.21 -9.20
N ASN A 184 -13.02 14.26 -10.13
CA ASN A 184 -13.81 14.44 -11.35
C ASN A 184 -13.29 15.70 -12.10
N GLY A 185 -11.98 15.75 -12.29
CA GLY A 185 -11.28 16.86 -12.97
C GLY A 185 -11.33 18.25 -12.37
N GLN A 186 -11.60 18.36 -11.08
CA GLN A 186 -11.55 19.65 -10.41
C GLN A 186 -10.63 19.57 -9.20
N LEU A 187 -9.95 20.69 -8.92
CA LEU A 187 -9.07 20.78 -7.79
C LEU A 187 -9.85 21.07 -6.53
N GLN A 188 -10.10 20.03 -5.75
CA GLN A 188 -10.91 20.20 -4.56
C GLN A 188 -10.06 20.46 -3.29
N GLY A 189 -8.84 19.94 -3.30
CA GLY A 189 -7.95 20.12 -2.12
C GLY A 189 -6.50 20.44 -2.37
N VAL A 190 -5.90 20.91 -1.29
CA VAL A 190 -4.48 21.09 -1.13
C VAL A 190 -4.05 20.26 0.09
N VAL A 191 -3.11 19.34 -0.09
CA VAL A 191 -2.57 18.55 1.01
C VAL A 191 -2.10 19.54 2.07
N SER A 192 -2.62 19.40 3.29
CA SER A 192 -2.33 20.36 4.36
C SER A 192 -1.74 19.64 5.57
N TRP A 193 -2.49 18.90 6.39
CA TRP A 193 -1.81 18.35 7.58
C TRP A 193 -2.42 17.04 8.03
N GLY A 194 -1.87 16.44 9.10
CA GLY A 194 -2.53 15.35 9.74
C GLY A 194 -1.68 14.83 10.85
N ASP A 195 -2.26 13.98 11.68
CA ASP A 195 -1.52 13.38 12.82
C ASP A 195 -0.87 12.10 12.34
N GLY A 196 0.44 12.17 12.13
CA GLY A 196 1.18 11.15 11.42
C GLY A 196 0.71 11.14 9.97
N CYS A 197 1.03 10.01 9.36
CA CYS A 197 0.71 9.60 8.02
C CYS A 197 0.21 8.16 8.13
N ALA A 198 -1.01 7.98 7.64
CA ALA A 198 -1.61 6.69 7.34
C ALA A 198 -1.93 5.93 8.57
N GLN A 199 -2.14 6.63 9.67
CA GLN A 199 -2.45 5.96 10.96
C GLN A 199 -3.94 5.73 11.00
N LYS A 200 -4.37 4.79 11.81
CA LYS A 200 -5.78 4.49 11.99
C LYS A 200 -6.48 5.65 12.54
N ASN A 201 -7.71 5.85 12.08
CA ASN A 201 -8.55 6.97 12.41
C ASN A 201 -7.91 8.38 12.21
N LYS A 202 -6.93 8.50 11.33
CA LYS A 202 -6.28 9.81 11.17
C LYS A 202 -6.06 10.10 9.73
N PRO A 203 -7.14 10.26 8.99
CA PRO A 203 -6.93 10.60 7.59
C PRO A 203 -6.23 11.97 7.45
N GLY A 204 -5.70 12.25 6.29
CA GLY A 204 -5.17 13.59 6.00
C GLY A 204 -6.25 14.64 5.99
N VAL A 205 -5.88 15.82 6.48
CA VAL A 205 -6.70 17.00 6.39
C VAL A 205 -6.20 17.87 5.20
N TYR A 206 -7.16 18.36 4.44
CA TYR A 206 -6.95 19.09 3.19
C TYR A 206 -7.68 20.43 3.18
N THR A 207 -7.02 21.45 2.67
CA THR A 207 -7.66 22.76 2.57
C THR A 207 -8.76 22.74 1.52
N LYS A 208 -9.88 23.34 1.84
CA LYS A 208 -11.05 23.29 0.98
C LYS A 208 -10.98 24.39 -0.07
N VAL A 209 -10.37 24.07 -1.20
CA VAL A 209 -10.14 25.02 -2.27
C VAL A 209 -11.40 25.80 -2.65
N TYR A 210 -12.56 25.14 -2.70
CA TYR A 210 -13.78 25.80 -3.13
C TYR A 210 -13.94 27.12 -2.32
N ASN A 211 -13.52 27.12 -1.06
CA ASN A 211 -13.76 28.30 -0.23
C ASN A 211 -12.89 29.47 -0.60
N TYR A 212 -11.84 29.24 -1.38
CA TYR A 212 -10.90 30.28 -1.75
C TYR A 212 -11.04 30.78 -3.19
N VAL A 213 -12.05 30.30 -3.91
CA VAL A 213 -12.26 30.69 -5.30
C VAL A 213 -12.19 32.21 -5.54
N LYS A 214 -13.02 32.98 -4.82
CA LYS A 214 -13.02 34.44 -4.93
C LYS A 214 -11.66 35.04 -4.60
N TRP A 215 -11.02 34.53 -3.56
CA TRP A 215 -9.76 35.09 -3.13
C TRP A 215 -8.69 34.89 -4.18
N ILE A 216 -8.79 33.74 -4.83
CA ILE A 216 -7.90 33.40 -5.89
C ILE A 216 -8.19 34.29 -7.08
N LYS A 217 -9.46 34.40 -7.51
CA LYS A 217 -9.81 35.33 -8.61
C LYS A 217 -9.25 36.70 -8.32
N ASN A 218 -9.48 37.21 -7.11
CA ASN A 218 -9.08 38.58 -6.80
C ASN A 218 -7.61 38.76 -6.72
N THR A 219 -6.90 37.80 -6.13
CA THR A 219 -5.45 37.93 -6.05
C THR A 219 -4.91 37.90 -7.49
N ILE A 220 -5.43 37.02 -8.32
CA ILE A 220 -4.91 36.94 -9.70
C ILE A 220 -5.08 38.31 -10.35
N ALA A 221 -6.32 38.81 -10.35
CA ALA A 221 -6.72 40.13 -10.91
C ALA A 221 -5.78 41.24 -10.42
N ALA A 222 -5.60 41.35 -9.12
CA ALA A 222 -4.75 42.37 -8.52
C ALA A 222 -3.29 42.22 -8.88
N ASN A 223 -2.90 41.08 -9.43
CA ASN A 223 -1.49 40.90 -9.84
C ASN A 223 -1.41 40.52 -11.30
N SER A 224 -2.27 41.11 -12.10
CA SER A 224 -2.22 40.92 -13.54
C SER A 224 -1.97 42.29 -14.12
N ILE B 1 -9.11 -23.45 4.88
CA ILE B 1 -8.73 -24.68 5.67
C ILE B 1 -9.98 -25.48 5.95
N VAL B 2 -10.11 -26.62 5.27
CA VAL B 2 -11.17 -27.59 5.56
C VAL B 2 -10.74 -28.53 6.69
N GLY B 3 -11.67 -28.76 7.63
CA GLY B 3 -11.46 -29.77 8.74
C GLY B 3 -10.66 -29.26 9.91
N GLY B 4 -10.47 -27.92 9.95
CA GLY B 4 -9.64 -27.30 10.96
C GLY B 4 -10.43 -26.63 12.07
N TYR B 5 -9.84 -25.61 12.66
CA TYR B 5 -10.39 -25.02 13.89
C TYR B 5 -9.97 -23.58 13.95
N ASN B 6 -10.74 -22.77 14.68
CA ASN B 6 -10.41 -21.38 14.88
C ASN B 6 -9.09 -21.25 15.61
N CYS B 7 -8.12 -20.48 15.14
CA CYS B 7 -6.85 -20.34 15.88
C CYS B 7 -7.19 -19.47 17.04
N GLU B 8 -6.45 -19.66 18.13
CA GLU B 8 -6.51 -18.74 19.21
C GLU B 8 -6.05 -17.42 18.63
N GLU B 9 -6.82 -16.39 18.86
CA GLU B 9 -6.46 -15.06 18.44
C GLU B 9 -4.98 -14.73 18.70
N ASN B 10 -4.27 -14.33 17.64
CA ASN B 10 -2.87 -13.95 17.75
C ASN B 10 -1.97 -15.09 18.13
N SER B 11 -2.45 -16.35 18.03
CA SER B 11 -1.59 -17.52 18.21
C SER B 11 -0.68 -17.87 16.99
N VAL B 12 -0.85 -17.18 15.86
CA VAL B 12 -0.04 -17.39 14.65
C VAL B 12 0.42 -16.02 14.22
N PRO B 13 1.37 -15.43 14.96
CA PRO B 13 1.77 -14.03 14.76
C PRO B 13 2.49 -13.70 13.45
N TYR B 14 2.92 -14.72 12.72
CA TYR B 14 3.63 -14.56 11.44
C TYR B 14 2.66 -14.59 10.25
N GLN B 15 1.40 -14.94 10.48
CA GLN B 15 0.48 -15.09 9.40
C GLN B 15 0.19 -13.70 8.81
N VAL B 16 0.14 -13.58 7.49
CA VAL B 16 -0.37 -12.33 6.90
C VAL B 16 -1.52 -12.58 5.95
N SER B 17 -2.29 -11.52 5.75
CA SER B 17 -3.32 -11.55 4.73
C SER B 17 -2.86 -10.64 3.56
N LEU B 18 -3.04 -11.09 2.32
CA LEU B 18 -2.73 -10.21 1.20
C LEU B 18 -4.05 -9.66 0.66
N ASN B 19 -4.16 -8.34 0.55
CA ASN B 19 -5.41 -7.67 0.18
C ASN B 19 -5.19 -6.79 -1.06
N SER B 20 -6.12 -6.90 -1.98
CA SER B 20 -6.19 -6.32 -3.31
C SER B 20 -7.47 -5.48 -3.47
N GLY B 21 -8.20 -5.25 -2.40
CA GLY B 21 -9.65 -5.00 -2.50
C GLY B 21 -10.34 -6.02 -1.58
N TYR B 22 -9.85 -7.27 -1.56
CA TYR B 22 -10.37 -8.28 -0.66
C TYR B 22 -9.25 -9.25 -0.37
N HIS B 23 -9.40 -10.09 0.66
CA HIS B 23 -8.40 -11.09 0.97
C HIS B 23 -8.29 -12.07 -0.16
N PHE B 24 -7.10 -12.24 -0.71
CA PHE B 24 -6.95 -13.19 -1.82
C PHE B 24 -5.92 -14.27 -1.61
N CYS B 25 -4.97 -14.03 -0.68
CA CYS B 25 -3.92 -14.95 -0.38
C CYS B 25 -3.40 -14.70 0.98
N GLY B 26 -2.64 -15.68 1.49
CA GLY B 26 -1.90 -15.59 2.71
C GLY B 26 -0.44 -15.31 2.45
N GLY B 27 0.30 -15.12 3.52
CA GLY B 27 1.76 -15.12 3.48
C GLY B 27 2.33 -15.26 4.86
N SER B 28 3.66 -15.24 4.95
CA SER B 28 4.35 -15.31 6.20
C SER B 28 5.41 -14.21 6.37
N LEU B 29 5.52 -13.69 7.57
CA LEU B 29 6.47 -12.70 7.87
C LEU B 29 7.72 -13.43 8.32
N ILE B 30 8.77 -13.25 7.55
CA ILE B 30 10.05 -13.90 7.82
C ILE B 30 11.12 -12.96 8.32
N ASN B 31 10.79 -11.69 8.23
CA ASN B 31 11.71 -10.62 8.54
C ASN B 31 10.83 -9.39 8.75
N GLU B 32 11.34 -8.34 9.40
CA GLU B 32 10.56 -7.13 9.66
C GLU B 32 10.10 -6.39 8.43
N GLN B 33 10.77 -6.63 7.30
CA GLN B 33 10.47 -5.97 6.03
C GLN B 33 10.09 -6.88 4.88
N TRP B 34 10.00 -8.19 5.11
CA TRP B 34 9.85 -9.12 4.02
C TRP B 34 8.86 -10.22 4.34
N VAL B 35 7.99 -10.50 3.37
CA VAL B 35 6.99 -11.56 3.47
C VAL B 35 7.15 -12.63 2.39
N VAL B 36 7.01 -13.91 2.76
CA VAL B 36 6.98 -15.00 1.78
C VAL B 36 5.57 -15.41 1.47
N SER B 37 5.31 -15.57 0.18
CA SER B 37 4.00 -15.99 -0.28
C SER B 37 4.14 -16.86 -1.51
N ALA B 38 3.03 -17.06 -2.21
CA ALA B 38 3.09 -17.92 -3.36
C ALA B 38 3.16 -17.11 -4.64
N GLY B 39 3.94 -17.63 -5.58
CA GLY B 39 4.10 -16.98 -6.87
C GLY B 39 2.81 -16.81 -7.63
N HIS B 40 1.92 -17.80 -7.57
CA HIS B 40 0.58 -17.62 -8.20
C HIS B 40 -0.33 -16.64 -7.48
N CYS B 41 0.09 -16.10 -6.32
CA CYS B 41 -0.60 -15.02 -5.64
C CYS B 41 -0.16 -13.64 -6.18
N TYR B 42 0.67 -13.62 -7.21
CA TYR B 42 1.27 -12.39 -7.71
C TYR B 42 0.20 -11.39 -8.20
N LYS B 43 0.33 -10.11 -7.78
CA LYS B 43 -0.32 -8.96 -8.42
C LYS B 43 0.59 -7.72 -8.32
N SER B 44 0.31 -6.72 -9.16
CA SER B 44 1.10 -5.44 -9.26
C SER B 44 1.04 -4.63 -8.01
N ARG B 45 -0.13 -4.66 -7.35
CA ARG B 45 -0.42 -3.90 -6.12
C ARG B 45 -1.01 -4.80 -5.01
N ILE B 46 -0.44 -4.73 -3.83
CA ILE B 46 -0.82 -5.61 -2.74
C ILE B 46 -0.64 -4.81 -1.48
N GLN B 47 -1.68 -4.82 -0.65
CA GLN B 47 -1.54 -4.48 0.74
C GLN B 47 -1.37 -5.72 1.64
N VAL B 48 -0.37 -5.63 2.50
CA VAL B 48 -0.03 -6.66 3.48
C VAL B 48 -0.71 -6.30 4.80
N ARG B 49 -1.56 -7.22 5.30
CA ARG B 49 -2.26 -7.08 6.58
C ARG B 49 -1.73 -8.03 7.65
N LEU B 50 -1.04 -7.45 8.64
CA LEU B 50 -0.43 -8.21 9.74
C LEU B 50 -1.23 -8.07 11.03
N GLY B 51 -1.11 -9.06 11.91
CA GLY B 51 -1.74 -9.03 13.23
C GLY B 51 -3.22 -9.23 13.10
N GLU B 52 -3.61 -9.90 12.03
CA GLU B 52 -5.04 -10.03 11.70
C GLU B 52 -5.61 -11.23 12.40
N HIS B 53 -6.90 -11.21 12.66
CA HIS B 53 -7.63 -12.34 13.18
C HIS B 53 -8.99 -12.43 12.45
N ASN B 54 -9.77 -11.38 12.54
CA ASN B 54 -11.01 -11.33 11.83
C ASN B 54 -10.82 -10.37 10.71
N ILE B 55 -10.73 -10.88 9.50
CA ILE B 55 -10.42 -10.02 8.35
C ILE B 55 -11.60 -9.10 7.91
N GLU B 56 -12.81 -9.30 8.41
CA GLU B 56 -13.94 -8.41 8.09
C GLU B 56 -13.97 -7.21 9.06
N VAL B 57 -13.57 -7.44 10.31
CA VAL B 57 -13.76 -6.49 11.38
C VAL B 57 -12.43 -5.88 11.78
N LEU B 58 -12.32 -4.56 11.68
CA LEU B 58 -11.14 -3.84 12.12
C LEU B 58 -11.06 -3.76 13.67
N GLU B 59 -10.10 -4.45 14.26
CA GLU B 59 -9.95 -4.53 15.71
C GLU B 59 -9.28 -3.27 16.32
N GLY B 60 -8.29 -2.76 15.61
CA GLY B 60 -7.57 -1.60 16.11
C GLY B 60 -6.11 -1.88 16.40
N ASN B 61 -5.73 -3.15 16.38
CA ASN B 61 -4.34 -3.56 16.54
C ASN B 61 -3.68 -4.15 15.30
N GLU B 62 -4.25 -3.92 14.12
CA GLU B 62 -3.65 -4.41 12.88
C GLU B 62 -2.59 -3.42 12.38
N GLN B 63 -1.75 -3.92 11.48
CA GLN B 63 -0.72 -3.14 10.76
C GLN B 63 -1.02 -3.37 9.28
N PHE B 64 -1.53 -2.38 8.60
CA PHE B 64 -1.80 -2.47 7.16
C PHE B 64 -0.57 -1.82 6.50
N ILE B 65 0.15 -2.57 5.66
CA ILE B 65 1.39 -2.07 5.07
C ILE B 65 1.47 -2.45 3.58
N ASN B 66 1.72 -1.45 2.73
CA ASN B 66 1.84 -1.64 1.28
C ASN B 66 3.09 -2.37 0.90
N ALA B 67 2.99 -3.15 -0.17
CA ALA B 67 4.16 -3.90 -0.67
C ALA B 67 4.95 -2.88 -1.44
N ALA B 68 6.16 -2.54 -0.99
CA ALA B 68 7.03 -1.68 -1.81
C ALA B 68 7.59 -2.45 -3.01
N LYS B 69 7.93 -3.74 -2.79
CA LYS B 69 8.41 -4.62 -3.90
C LYS B 69 7.74 -5.96 -3.91
N ILE B 70 7.41 -6.46 -5.09
CA ILE B 70 6.74 -7.74 -5.25
C ILE B 70 7.53 -8.57 -6.25
N ILE B 71 8.27 -9.56 -5.75
CA ILE B 71 9.33 -10.26 -6.52
C ILE B 71 8.99 -11.72 -6.58
N ARG B 72 8.29 -12.11 -7.63
CA ARG B 72 8.00 -13.48 -7.89
C ARG B 72 9.24 -14.24 -8.32
N HIS B 73 9.34 -15.52 -7.96
CA HIS B 73 10.57 -16.25 -8.36
C HIS B 73 10.69 -16.13 -9.86
N PRO B 74 11.91 -15.86 -10.35
CA PRO B 74 12.07 -15.62 -11.79
C PRO B 74 11.84 -16.87 -12.68
N GLN B 75 11.97 -18.07 -12.10
CA GLN B 75 11.62 -19.23 -12.91
C GLN B 75 10.33 -19.89 -12.41
N TYR B 76 9.42 -19.06 -11.87
CA TYR B 76 8.13 -19.53 -11.47
C TYR B 76 7.54 -20.07 -12.74
N ASP B 77 7.00 -21.27 -12.67
CA ASP B 77 6.34 -21.88 -13.83
C ASP B 77 4.86 -22.04 -13.62
N ARG B 78 4.06 -21.27 -14.34
CA ARG B 78 2.65 -21.22 -14.08
C ARG B 78 1.89 -22.45 -14.49
N ASP B 79 2.44 -23.27 -15.36
CA ASP B 79 1.80 -24.46 -15.85
C ASP B 79 1.90 -25.63 -14.92
N THR B 80 3.10 -25.87 -14.39
CA THR B 80 3.40 -26.98 -13.44
C THR B 80 3.45 -26.56 -11.96
N LEU B 81 3.52 -25.26 -11.70
CA LEU B 81 3.67 -24.64 -10.38
C LEU B 81 5.01 -24.86 -9.71
N ASN B 82 6.01 -25.25 -10.47
CA ASN B 82 7.34 -25.32 -9.94
C ASN B 82 7.80 -23.91 -9.64
N ASN B 83 8.61 -23.80 -8.60
CA ASN B 83 9.08 -22.54 -8.09
C ASN B 83 7.96 -21.60 -7.72
N ASP B 84 6.89 -22.12 -7.10
CA ASP B 84 5.76 -21.33 -6.66
C ASP B 84 6.02 -20.56 -5.37
N ILE B 85 6.86 -19.54 -5.49
CA ILE B 85 7.19 -18.73 -4.40
C ILE B 85 7.36 -17.30 -4.82
N MET B 86 7.10 -16.43 -3.86
CA MET B 86 7.20 -14.98 -4.05
C MET B 86 7.73 -14.32 -2.77
N LEU B 87 8.32 -13.16 -2.91
CA LEU B 87 8.79 -12.40 -1.81
C LEU B 87 8.27 -10.98 -1.90
N ILE B 88 8.02 -10.37 -0.75
CA ILE B 88 7.43 -9.03 -0.71
C ILE B 88 8.14 -8.20 0.29
N LYS B 89 8.62 -7.04 -0.16
CA LYS B 89 9.24 -6.14 0.74
C LYS B 89 8.21 -5.11 1.13
N LEU B 90 8.05 -4.94 2.45
CA LEU B 90 7.12 -3.97 3.00
C LEU B 90 7.69 -2.57 2.84
N SER B 91 6.84 -1.58 2.55
CA SER B 91 7.27 -0.18 2.44
C SER B 91 7.56 0.53 3.79
N SER B 92 7.11 -0.05 4.90
CA SER B 92 7.72 0.26 6.21
C SER B 92 7.86 -0.98 7.08
N ARG B 93 8.74 -0.91 8.06
CA ARG B 93 9.10 -2.06 8.88
C ARG B 93 7.94 -2.45 9.75
N ALA B 94 7.55 -3.73 9.78
CA ALA B 94 6.57 -4.17 10.78
C ALA B 94 7.06 -3.93 12.22
N VAL B 95 6.10 -3.62 13.10
CA VAL B 95 6.36 -3.51 14.54
C VAL B 95 6.19 -4.90 15.14
N ILE B 96 7.26 -5.43 15.72
CA ILE B 96 7.19 -6.72 16.43
C ILE B 96 6.57 -6.55 17.80
N ASN B 97 5.52 -7.33 18.06
CA ASN B 97 4.92 -7.44 19.40
C ASN B 97 4.35 -8.84 19.58
N ALA B 98 3.40 -9.01 20.49
CA ALA B 98 2.83 -10.33 20.69
C ALA B 98 1.88 -10.77 19.54
N HIS B 99 1.29 -9.80 18.83
CA HIS B 99 0.39 -10.15 17.71
C HIS B 99 1.12 -10.25 16.33
N VAL B 100 2.37 -9.77 16.26
CA VAL B 100 3.11 -9.73 14.99
C VAL B 100 4.58 -10.09 15.21
N SER B 101 4.97 -11.23 14.67
CA SER B 101 6.32 -11.71 14.85
C SER B 101 6.71 -12.51 13.62
N THR B 102 8.00 -12.83 13.54
CA THR B 102 8.59 -13.39 12.37
C THR B 102 8.72 -14.87 12.60
N ILE B 103 8.72 -15.64 11.52
CA ILE B 103 8.90 -17.07 11.58
C ILE B 103 10.24 -17.36 10.91
N SER B 104 11.00 -18.28 11.48
CA SER B 104 12.32 -18.63 10.98
C SER B 104 12.28 -19.51 9.76
N LEU B 105 13.29 -19.32 8.91
CA LEU B 105 13.50 -20.14 7.76
C LEU B 105 14.04 -21.49 8.19
N PRO B 106 13.73 -22.53 7.40
CA PRO B 106 14.07 -23.87 7.73
C PRO B 106 15.57 -24.12 7.56
N THR B 107 16.14 -24.91 8.46
CA THR B 107 17.57 -25.25 8.40
C THR B 107 17.83 -26.60 7.75
N ALA B 108 16.81 -27.45 7.70
CA ALA B 108 16.80 -28.69 6.95
C ALA B 108 15.49 -28.80 6.13
N PRO B 109 15.45 -29.73 5.16
CA PRO B 109 14.18 -30.04 4.52
C PRO B 109 13.24 -30.75 5.48
N PRO B 110 11.96 -30.89 5.07
CA PRO B 110 10.87 -31.40 5.87
C PRO B 110 11.11 -32.84 6.12
N ALA B 111 10.79 -33.32 7.31
CA ALA B 111 11.11 -34.70 7.72
C ALA B 111 9.79 -35.40 7.78
N THR B 112 9.67 -36.55 7.17
CA THR B 112 8.41 -37.27 7.17
C THR B 112 7.87 -37.51 8.58
N GLY B 113 6.54 -37.36 8.77
CA GLY B 113 5.84 -37.56 10.06
C GLY B 113 5.87 -36.37 11.05
N THR B 114 6.71 -35.37 10.80
CA THR B 114 6.72 -34.19 11.68
C THR B 114 5.43 -33.39 11.48
N LYS B 115 4.86 -32.98 12.61
CA LYS B 115 3.56 -32.33 12.70
C LYS B 115 3.71 -30.85 12.31
N CYS B 116 2.82 -30.33 11.49
CA CYS B 116 2.93 -28.96 11.04
C CYS B 116 1.69 -28.20 11.39
N LEU B 117 1.82 -26.89 11.57
CA LEU B 117 0.66 -26.05 11.63
C LEU B 117 0.41 -25.29 10.32
N ILE B 118 -0.75 -25.48 9.75
CA ILE B 118 -1.18 -24.75 8.55
C ILE B 118 -2.34 -23.82 8.93
N SER B 119 -2.29 -22.61 8.39
CA SER B 119 -3.22 -21.57 8.80
C SER B 119 -3.65 -20.70 7.60
N GLY B 120 -4.85 -20.12 7.73
CA GLY B 120 -5.31 -19.13 6.80
C GLY B 120 -6.82 -18.94 6.78
N TRP B 121 -7.23 -18.04 5.90
CA TRP B 121 -8.62 -17.69 5.82
C TRP B 121 -9.27 -18.28 4.59
N GLY B 122 -8.89 -19.45 4.17
CA GLY B 122 -9.49 -19.99 2.96
C GLY B 122 -10.77 -20.73 3.21
N ASN B 123 -11.34 -21.30 2.14
CA ASN B 123 -12.59 -21.97 2.14
C ASN B 123 -12.53 -23.08 3.19
N THR B 124 -13.64 -23.30 3.88
CA THR B 124 -13.68 -24.34 4.87
C THR B 124 -14.53 -25.51 4.43
N ALA B 125 -15.10 -25.45 3.24
CA ALA B 125 -15.85 -26.63 2.73
C ALA B 125 -15.13 -27.21 1.51
N SER B 126 -15.19 -28.54 1.39
CA SER B 126 -14.58 -29.23 0.25
C SER B 126 -15.49 -29.16 -0.93
N SER B 127 -16.78 -28.98 -0.70
CA SER B 127 -17.69 -28.64 -1.81
C SER B 127 -18.54 -27.46 -1.38
N GLY B 128 -18.72 -26.52 -2.29
CA GLY B 128 -19.34 -25.23 -1.97
C GLY B 128 -18.37 -24.16 -1.49
N ALA B 129 -18.92 -23.02 -1.12
CA ALA B 129 -18.16 -21.89 -0.69
C ALA B 129 -18.58 -21.64 0.75
N ASP B 130 -17.64 -21.72 1.67
CA ASP B 130 -17.88 -21.36 3.07
C ASP B 130 -16.62 -20.65 3.60
N TYR B 131 -16.58 -19.32 3.47
CA TYR B 131 -15.37 -18.56 3.66
C TYR B 131 -15.46 -17.85 5.01
N PRO B 132 -14.47 -18.04 5.92
CA PRO B 132 -14.64 -17.56 7.28
C PRO B 132 -14.07 -16.17 7.47
N ASP B 133 -14.63 -15.43 8.42
CA ASP B 133 -14.02 -14.18 8.82
C ASP B 133 -12.80 -14.41 9.71
N GLU B 134 -12.87 -15.42 10.56
CA GLU B 134 -11.81 -15.71 11.53
C GLU B 134 -10.70 -16.66 11.02
N LEU B 135 -9.46 -16.42 11.43
CA LEU B 135 -8.33 -17.22 10.98
C LEU B 135 -8.48 -18.70 11.35
N GLN B 136 -8.33 -19.60 10.39
CA GLN B 136 -8.38 -21.05 10.64
C GLN B 136 -7.01 -21.75 10.73
N CYS B 137 -6.93 -22.80 11.56
CA CYS B 137 -5.69 -23.58 11.80
C CYS B 137 -6.00 -25.06 11.60
N LEU B 138 -4.94 -25.77 11.22
CA LEU B 138 -4.98 -27.17 10.84
C LEU B 138 -3.64 -27.84 11.17
N ASP B 139 -3.69 -28.90 11.98
CA ASP B 139 -2.49 -29.68 12.31
C ASP B 139 -2.44 -30.85 11.36
N ALA B 140 -1.30 -31.06 10.73
CA ALA B 140 -1.19 -32.10 9.73
C ALA B 140 0.26 -32.60 9.62
N PRO B 141 0.47 -33.90 9.36
CA PRO B 141 1.87 -34.39 9.23
C PRO B 141 2.55 -34.22 7.85
N VAL B 142 3.87 -34.07 7.81
CA VAL B 142 4.59 -34.13 6.52
C VAL B 142 4.44 -35.56 5.98
N LEU B 143 4.11 -35.76 4.71
CA LEU B 143 3.98 -37.07 4.16
C LEU B 143 5.26 -37.40 3.37
N SER B 144 5.45 -38.68 3.08
CA SER B 144 6.68 -39.11 2.42
C SER B 144 6.61 -38.64 0.99
N GLN B 145 7.78 -38.49 0.40
CA GLN B 145 7.81 -38.10 -0.97
C GLN B 145 7.19 -39.17 -1.82
N ALA B 146 7.22 -40.42 -1.33
CA ALA B 146 6.64 -41.49 -2.14
C ALA B 146 5.12 -41.40 -2.20
N LYS B 147 4.51 -41.06 -1.09
CA LYS B 147 3.07 -40.91 -1.06
C LYS B 147 2.71 -39.65 -1.83
N CYS B 148 3.60 -38.66 -1.85
CA CYS B 148 3.26 -37.45 -2.59
C CYS B 148 3.22 -37.76 -4.10
N GLU B 149 4.16 -38.54 -4.61
CA GLU B 149 4.23 -38.85 -6.04
C GLU B 149 3.17 -39.84 -6.49
N ALA B 150 2.82 -40.81 -5.65
CA ALA B 150 1.69 -41.72 -5.95
C ALA B 150 0.40 -40.95 -6.05
N SER B 151 0.21 -39.97 -5.19
CA SER B 151 -0.99 -39.10 -5.24
C SER B 151 -1.08 -38.26 -6.55
N TYR B 152 0.08 -37.81 -7.05
CA TYR B 152 0.19 -36.91 -8.22
C TYR B 152 1.30 -37.39 -9.15
N PRO B 153 1.04 -38.51 -9.84
CA PRO B 153 2.10 -39.09 -10.64
C PRO B 153 2.55 -38.13 -11.75
N GLY B 154 3.87 -37.86 -11.83
CA GLY B 154 4.47 -36.99 -12.84
C GLY B 154 4.51 -35.48 -12.51
N LYS B 155 3.90 -35.09 -11.39
CA LYS B 155 3.62 -33.66 -11.12
C LYS B 155 4.43 -33.07 -9.95
N ILE B 156 5.09 -33.90 -9.17
CA ILE B 156 5.71 -33.41 -7.95
C ILE B 156 7.19 -33.21 -8.24
N THR B 157 7.71 -31.98 -8.17
CA THR B 157 9.12 -31.73 -8.32
C THR B 157 9.83 -31.80 -7.00
N SER B 158 11.15 -31.74 -7.00
CA SER B 158 11.90 -31.68 -5.75
C SER B 158 11.61 -30.40 -4.98
N ASN B 159 11.03 -29.39 -5.63
CA ASN B 159 10.68 -28.18 -4.92
C ASN B 159 9.27 -28.24 -4.32
N MET B 160 8.67 -29.42 -4.21
CA MET B 160 7.37 -29.54 -3.63
C MET B 160 7.35 -30.66 -2.62
N PHE B 161 6.39 -30.58 -1.70
CA PHE B 161 6.08 -31.67 -0.83
C PHE B 161 4.63 -31.68 -0.38
N CYS B 162 4.22 -32.85 0.14
CA CYS B 162 2.85 -33.04 0.56
C CYS B 162 2.75 -33.09 2.07
N VAL B 163 1.66 -32.48 2.55
CA VAL B 163 1.30 -32.45 3.96
C VAL B 163 -0.19 -32.65 3.98
N GLY B 164 -0.64 -33.53 4.85
CA GLY B 164 -2.08 -33.76 4.97
C GLY B 164 -2.40 -35.20 5.30
N PHE B 165 -3.50 -35.68 4.76
CA PHE B 165 -4.00 -37.00 5.09
C PHE B 165 -4.55 -37.67 3.87
N LEU B 166 -4.07 -38.87 3.58
CA LEU B 166 -4.58 -39.57 2.40
C LEU B 166 -6.07 -39.86 2.49
N GLU B 167 -6.59 -39.93 3.70
CA GLU B 167 -8.00 -40.26 3.93
C GLU B 167 -8.90 -39.11 3.52
N GLY B 168 -8.32 -37.91 3.40
CA GLY B 168 -9.03 -36.70 3.00
C GLY B 168 -9.67 -36.05 4.21
N GLY B 169 -10.52 -35.05 3.99
CA GLY B 169 -11.26 -34.37 5.04
C GLY B 169 -10.54 -33.22 5.73
N LYS B 170 -9.23 -33.14 5.57
CA LYS B 170 -8.49 -32.02 6.21
C LYS B 170 -7.40 -31.53 5.28
N ASP B 171 -7.42 -30.24 4.92
CA ASP B 171 -6.50 -29.77 3.87
C ASP B 171 -6.54 -28.25 3.83
N SER B 172 -5.56 -27.64 3.18
CA SER B 172 -5.67 -26.25 2.82
C SER B 172 -6.52 -26.11 1.58
N CYS B 173 -6.99 -24.90 1.34
CA CYS B 173 -8.00 -24.65 0.30
C CYS B 173 -7.96 -23.21 -0.31
N GLN B 174 -8.88 -22.91 -1.25
CA GLN B 174 -8.83 -21.65 -2.00
C GLN B 174 -8.87 -20.51 -0.97
N GLY B 175 -7.92 -19.60 -1.06
CA GLY B 175 -7.79 -18.49 -0.07
C GLY B 175 -6.63 -18.71 0.90
N ASP B 176 -6.19 -19.95 1.04
CA ASP B 176 -4.96 -20.24 1.85
C ASP B 176 -3.61 -20.09 1.14
N ALA B 177 -3.60 -20.05 -0.19
CA ALA B 177 -2.33 -20.06 -0.94
C ALA B 177 -1.42 -18.96 -0.48
N GLY B 178 -0.13 -19.24 -0.46
CA GLY B 178 0.91 -18.35 0.10
C GLY B 178 1.15 -18.39 1.60
N GLY B 179 0.23 -18.98 2.34
CA GLY B 179 0.35 -19.03 3.76
C GLY B 179 1.32 -20.07 4.24
N PRO B 180 1.54 -20.12 5.59
CA PRO B 180 2.51 -20.98 6.24
C PRO B 180 2.16 -22.42 6.45
N VAL B 181 3.15 -23.28 6.20
CA VAL B 181 3.21 -24.61 6.82
C VAL B 181 4.40 -24.58 7.78
N VAL B 182 4.10 -24.56 9.06
CA VAL B 182 5.15 -24.40 10.07
C VAL B 182 5.29 -25.70 10.85
N CYS B 183 6.51 -26.22 10.91
CA CYS B 183 6.80 -27.53 11.52
C CYS B 183 8.05 -27.34 12.35
N ASN B 184 7.89 -27.49 13.66
CA ASN B 184 8.94 -27.31 14.64
C ASN B 184 9.60 -25.95 14.58
N GLY B 185 8.77 -24.92 14.63
CA GLY B 185 9.20 -23.54 14.66
C GLY B 185 9.89 -23.00 13.41
N GLN B 186 9.75 -23.68 12.27
CA GLN B 186 10.33 -23.18 11.04
C GLN B 186 9.35 -23.25 9.89
N LEU B 187 9.49 -22.31 8.96
CA LEU B 187 8.71 -22.25 7.77
C LEU B 187 9.19 -23.29 6.75
N GLN B 188 8.53 -24.41 6.71
CA GLN B 188 8.92 -25.45 5.81
C GLN B 188 8.16 -25.38 4.48
N GLY B 189 6.92 -24.90 4.49
CA GLY B 189 6.06 -24.91 3.31
C GLY B 189 5.27 -23.65 3.00
N VAL B 190 4.89 -23.46 1.73
CA VAL B 190 4.00 -22.36 1.33
C VAL B 190 2.82 -23.03 0.72
N VAL B 191 1.62 -22.70 1.19
CA VAL B 191 0.46 -23.29 0.57
C VAL B 191 0.50 -22.96 -0.93
N SER B 192 0.45 -24.01 -1.77
CA SER B 192 0.56 -23.91 -3.21
C SER B 192 -0.69 -24.50 -3.94
N TRP B 193 -0.74 -25.77 -4.26
CA TRP B 193 -1.87 -26.37 -5.01
C TRP B 193 -2.38 -27.74 -4.50
N GLY B 194 -3.52 -28.24 -5.04
CA GLY B 194 -3.87 -29.64 -4.95
C GLY B 194 -5.03 -29.99 -5.85
N ASP B 195 -5.33 -31.28 -6.05
CA ASP B 195 -6.53 -31.62 -6.85
C ASP B 195 -7.72 -31.49 -5.98
N GLY B 196 -8.33 -30.31 -6.07
CA GLY B 196 -9.29 -29.85 -5.10
C GLY B 196 -8.70 -29.75 -3.71
N CYS B 197 -9.61 -29.89 -2.75
CA CYS B 197 -9.35 -29.64 -1.33
C CYS B 197 -9.94 -30.80 -0.52
N ALA B 198 -9.11 -31.44 0.30
CA ALA B 198 -9.55 -32.45 1.27
C ALA B 198 -10.17 -33.67 0.63
N GLN B 199 -9.77 -34.00 -0.58
CA GLN B 199 -10.27 -35.18 -1.26
C GLN B 199 -9.36 -36.36 -0.95
N LYS B 200 -9.95 -37.55 -0.97
CA LYS B 200 -9.18 -38.76 -0.74
C LYS B 200 -7.97 -38.82 -1.67
N ASN B 201 -6.83 -39.19 -1.09
CA ASN B 201 -5.61 -39.41 -1.86
C ASN B 201 -5.09 -38.20 -2.65
N LYS B 202 -5.61 -37.02 -2.32
CA LYS B 202 -5.15 -35.79 -2.89
C LYS B 202 -4.84 -34.81 -1.78
N PRO B 203 -3.74 -35.04 -1.06
CA PRO B 203 -3.26 -34.12 -0.06
C PRO B 203 -2.77 -32.85 -0.74
N GLY B 204 -2.58 -31.79 0.04
CA GLY B 204 -2.11 -30.52 -0.50
C GLY B 204 -0.64 -30.58 -0.89
N VAL B 205 -0.28 -29.83 -1.90
CA VAL B 205 1.11 -29.74 -2.29
C VAL B 205 1.61 -28.36 -1.86
N TYR B 206 2.84 -28.33 -1.37
CA TYR B 206 3.40 -27.19 -0.77
C TYR B 206 4.79 -26.96 -1.28
N THR B 207 5.13 -25.68 -1.43
CA THR B 207 6.47 -25.33 -1.88
C THR B 207 7.44 -25.61 -0.78
N LYS B 208 8.54 -26.28 -1.12
CA LYS B 208 9.59 -26.64 -0.20
C LYS B 208 10.49 -25.47 0.08
N VAL B 209 10.23 -24.75 1.16
CA VAL B 209 10.93 -23.52 1.39
C VAL B 209 12.43 -23.69 1.52
N TYR B 210 12.87 -24.78 2.14
CA TYR B 210 14.32 -25.06 2.26
C TYR B 210 15.09 -24.82 0.98
N ASN B 211 14.52 -25.27 -0.14
CA ASN B 211 15.17 -25.12 -1.46
C ASN B 211 15.35 -23.70 -1.95
N TYR B 212 14.67 -22.76 -1.31
CA TYR B 212 14.77 -21.34 -1.67
C TYR B 212 15.52 -20.44 -0.68
N VAL B 213 16.15 -21.02 0.34
CA VAL B 213 16.88 -20.21 1.35
C VAL B 213 17.92 -19.25 0.74
N LYS B 214 18.71 -19.75 -0.21
CA LYS B 214 19.76 -18.93 -0.83
C LYS B 214 19.13 -17.76 -1.66
N TRP B 215 18.17 -18.11 -2.51
CA TRP B 215 17.46 -17.15 -3.36
C TRP B 215 16.85 -16.10 -2.46
N ILE B 216 16.19 -16.55 -1.37
CA ILE B 216 15.57 -15.63 -0.46
C ILE B 216 16.58 -14.61 0.15
N LYS B 217 17.68 -15.11 0.72
CA LYS B 217 18.73 -14.24 1.25
C LYS B 217 19.46 -13.40 0.22
N ASN B 218 19.69 -13.94 -0.95
CA ASN B 218 20.26 -13.13 -2.00
C ASN B 218 19.30 -12.03 -2.36
N THR B 219 18.03 -12.39 -2.54
CA THR B 219 17.04 -11.42 -2.88
C THR B 219 16.94 -10.31 -1.82
N ILE B 220 16.75 -10.65 -0.57
CA ILE B 220 16.85 -9.64 0.49
C ILE B 220 18.09 -8.74 0.37
N ALA B 221 19.27 -9.35 0.29
CA ALA B 221 20.51 -8.56 0.21
C ALA B 221 20.56 -7.66 -1.04
N ALA B 222 20.04 -8.15 -2.16
CA ALA B 222 20.11 -7.37 -3.41
C ALA B 222 19.11 -6.22 -3.46
N ASN B 223 18.30 -6.09 -2.41
CA ASN B 223 17.18 -5.15 -2.33
C ASN B 223 17.14 -4.54 -0.94
N SER B 224 18.31 -4.36 -0.36
CA SER B 224 18.47 -3.82 0.98
C SER B 224 18.37 -2.31 0.93
N ARG C 1 25.26 22.20 27.21
CA ARG C 1 24.23 21.69 26.28
C ARG C 1 22.85 21.94 26.91
N PRO C 2 22.02 22.81 26.31
CA PRO C 2 20.73 22.97 26.90
C PRO C 2 20.01 21.63 26.90
N ASP C 3 19.11 21.46 27.85
CA ASP C 3 18.38 20.22 28.02
C ASP C 3 17.46 19.92 26.82
N PHE C 4 17.08 20.95 26.05
CA PHE C 4 16.24 20.73 24.89
C PHE C 4 16.96 19.98 23.74
N CYS C 5 18.29 20.05 23.77
CA CYS C 5 19.15 19.30 22.87
C CYS C 5 19.01 17.82 23.01
N LEU C 6 18.40 17.38 24.11
CA LEU C 6 18.14 15.96 24.34
C LEU C 6 16.79 15.46 23.75
N GLU C 7 15.94 16.36 23.27
CA GLU C 7 14.64 15.93 22.70
C GLU C 7 14.86 15.13 21.40
N PRO C 8 14.07 14.06 21.17
CA PRO C 8 14.06 13.52 19.80
C PRO C 8 13.59 14.57 18.80
N PRO C 9 14.02 14.46 17.55
CA PRO C 9 13.52 15.41 16.52
C PRO C 9 12.02 15.31 16.34
N TYR C 10 11.36 16.44 16.05
CA TYR C 10 9.87 16.50 16.02
C TYR C 10 9.38 17.06 14.65
N THR C 11 8.83 16.15 13.83
CA THR C 11 8.36 16.46 12.46
C THR C 11 7.16 17.37 12.46
N GLY C 12 6.26 17.14 13.42
CA GLY C 12 5.05 17.95 13.55
C GLY C 12 4.01 17.49 12.55
N PRO C 13 2.83 18.11 12.56
CA PRO C 13 1.74 17.58 11.75
C PRO C 13 1.68 18.08 10.30
N CYS C 14 2.47 19.11 9.93
CA CYS C 14 2.40 19.66 8.58
C CYS C 14 3.14 18.74 7.63
N LYS C 15 2.82 18.82 6.36
CA LYS C 15 3.37 17.85 5.42
C LYS C 15 4.35 18.41 4.40
N ALA C 16 5.03 19.50 4.72
CA ALA C 16 6.16 19.89 3.91
C ALA C 16 7.30 18.90 4.17
N ARG C 17 8.34 19.00 3.37
CA ARG C 17 9.59 18.31 3.65
C ARG C 17 10.73 19.31 3.74
N ILE C 18 10.92 19.84 4.94
CA ILE C 18 11.90 20.85 5.23
C ILE C 18 13.05 20.20 6.01
N ILE C 19 14.20 20.16 5.35
CA ILE C 19 15.46 19.66 5.92
C ILE C 19 15.93 20.60 7.03
N ARG C 20 15.99 20.09 8.24
CA ARG C 20 16.41 20.85 9.38
C ARG C 20 17.47 20.06 10.12
N TYR C 21 18.06 20.67 11.13
CA TYR C 21 19.11 20.01 11.88
C TYR C 21 18.65 19.77 13.31
N PHE C 22 19.11 18.70 13.92
CA PHE C 22 18.80 18.41 15.30
C PHE C 22 20.01 17.79 15.97
N TYR C 23 20.15 18.00 17.29
CA TYR C 23 21.27 17.41 18.01
C TYR C 23 20.84 16.02 18.38
N ASN C 24 21.64 15.05 17.94
CA ASN C 24 21.46 13.69 18.38
C ASN C 24 22.43 13.50 19.52
N ALA C 25 21.89 13.22 20.70
CA ALA C 25 22.65 13.28 21.93
C ALA C 25 23.60 12.11 22.10
N LYS C 26 23.07 10.92 21.86
CA LYS C 26 23.85 9.72 21.88
C LYS C 26 25.05 9.87 20.92
N ALA C 27 24.76 10.23 19.68
CA ALA C 27 25.77 10.23 18.62
C ALA C 27 26.69 11.45 18.73
N GLY C 28 26.25 12.44 19.49
CA GLY C 28 27.09 13.54 19.83
C GLY C 28 27.28 14.46 18.64
N LEU C 29 26.33 14.49 17.71
CA LEU C 29 26.47 15.42 16.58
C LEU C 29 25.15 15.95 16.00
N CYS C 30 25.25 16.98 15.18
CA CYS C 30 24.12 17.55 14.54
C CYS C 30 23.82 16.72 13.32
N GLN C 31 22.56 16.33 13.19
CA GLN C 31 22.10 15.47 12.13
C GLN C 31 20.90 16.09 11.42
N THR C 32 20.68 15.64 10.22
CA THR C 32 19.53 16.06 9.43
C THR C 32 18.25 15.30 9.81
N PHE C 33 17.11 15.98 9.74
CA PHE C 33 15.83 15.32 9.71
C PHE C 33 14.80 16.11 8.95
N VAL C 34 13.61 15.49 8.77
CA VAL C 34 12.52 16.08 8.01
C VAL C 34 11.54 16.82 8.92
N TYR C 35 11.45 18.13 8.72
CA TYR C 35 10.52 18.95 9.48
C TYR C 35 9.30 19.26 8.58
N GLY C 36 8.10 19.03 9.10
CA GLY C 36 6.87 19.11 8.35
C GLY C 36 6.40 20.52 8.01
N GLY C 37 6.91 21.53 8.69
CA GLY C 37 6.56 22.94 8.41
C GLY C 37 5.88 23.80 9.49
N CYS C 38 5.41 23.21 10.59
CA CYS C 38 4.70 23.92 11.66
C CYS C 38 4.91 23.17 12.94
N ARG C 39 4.85 23.93 14.02
CA ARG C 39 4.91 23.41 15.36
C ARG C 39 6.28 22.93 15.80
N ALA C 40 7.30 23.68 15.41
CA ALA C 40 8.68 23.34 15.72
C ALA C 40 8.98 23.25 17.21
N LYS C 41 9.62 22.19 17.63
CA LYS C 41 10.23 22.17 18.95
C LYS C 41 11.60 22.89 18.84
N ARG C 42 12.32 23.03 19.95
CA ARG C 42 13.52 23.92 19.91
C ARG C 42 14.73 23.16 19.33
N ASN C 43 14.77 21.85 19.48
CA ASN C 43 15.87 21.05 18.88
C ASN C 43 15.59 20.91 17.38
N ASN C 44 15.71 22.03 16.70
CA ASN C 44 15.31 22.21 15.34
C ASN C 44 15.98 23.44 14.86
N PHE C 45 17.02 23.30 14.08
CA PHE C 45 17.88 24.39 13.65
C PHE C 45 17.93 24.43 12.13
N LYS C 46 18.11 25.62 11.58
CA LYS C 46 18.12 25.87 10.13
C LYS C 46 19.45 25.69 9.45
N SER C 47 20.52 25.51 10.21
CA SER C 47 21.77 25.07 9.66
C SER C 47 22.51 24.22 10.67
N ALA C 48 23.52 23.49 10.18
CA ALA C 48 24.38 22.74 11.07
C ALA C 48 25.17 23.58 12.08
N GLU C 49 25.54 24.80 11.65
CA GLU C 49 26.40 25.71 12.40
C GLU C 49 25.68 26.23 13.64
N ASP C 50 24.39 26.58 13.47
CA ASP C 50 23.51 26.96 14.58
C ASP C 50 23.35 25.84 15.55
N CYS C 51 23.05 24.65 15.00
CA CYS C 51 22.92 23.46 15.83
C CYS C 51 24.18 23.17 16.64
N MET C 52 25.32 23.21 15.97
CA MET C 52 26.62 22.97 16.61
C MET C 52 26.89 24.01 17.69
N ARG C 53 26.59 25.28 17.42
CA ARG C 53 26.73 26.31 18.45
C ARG C 53 25.89 26.09 19.69
N THR C 54 24.61 25.79 19.58
CA THR C 54 23.73 25.73 20.76
C THR C 54 23.92 24.42 21.51
N CYS C 55 24.12 23.35 20.76
CA CYS C 55 24.11 22.02 21.31
C CYS C 55 25.46 21.36 21.15
N ARG D 1 -23.79 -17.98 -28.64
CA ARG D 1 -22.91 -18.18 -27.47
C ARG D 1 -21.92 -19.29 -27.73
N PRO D 2 -20.63 -19.07 -27.46
CA PRO D 2 -19.79 -20.25 -27.63
C PRO D 2 -20.12 -21.40 -26.67
N ASP D 3 -19.86 -22.60 -27.14
CA ASP D 3 -19.94 -23.81 -26.36
C ASP D 3 -19.22 -23.83 -24.99
N PHE D 4 -18.08 -23.16 -24.88
CA PHE D 4 -17.33 -23.10 -23.61
C PHE D 4 -18.16 -22.40 -22.53
N CYS D 5 -19.15 -21.63 -22.95
CA CYS D 5 -20.09 -21.00 -22.03
C CYS D 5 -20.98 -21.99 -21.27
N LEU D 6 -21.15 -23.22 -21.77
CA LEU D 6 -22.03 -24.21 -21.11
C LEU D 6 -21.26 -25.05 -20.07
N GLU D 7 -19.96 -24.80 -19.92
CA GLU D 7 -19.15 -25.58 -18.99
C GLU D 7 -19.30 -25.05 -17.57
N PRO D 8 -19.23 -25.94 -16.60
CA PRO D 8 -19.24 -25.61 -15.19
C PRO D 8 -18.05 -24.72 -14.93
N PRO D 9 -18.18 -23.80 -13.97
CA PRO D 9 -17.02 -22.99 -13.63
C PRO D 9 -15.88 -23.89 -13.13
N TYR D 10 -14.64 -23.49 -13.40
CA TYR D 10 -13.51 -24.35 -13.10
C TYR D 10 -12.54 -23.61 -12.17
N THR D 11 -12.46 -24.04 -10.91
CA THR D 11 -11.60 -23.39 -9.88
C THR D 11 -10.17 -23.61 -10.19
N GLY D 12 -9.91 -24.84 -10.65
CA GLY D 12 -8.55 -25.24 -10.93
C GLY D 12 -7.84 -25.57 -9.65
N PRO D 13 -6.56 -25.97 -9.72
CA PRO D 13 -5.83 -26.54 -8.55
C PRO D 13 -5.09 -25.55 -7.63
N CYS D 14 -4.88 -24.33 -8.10
CA CYS D 14 -4.22 -23.33 -7.24
C CYS D 14 -5.13 -22.86 -6.10
N LYS D 15 -4.50 -22.33 -5.06
CA LYS D 15 -5.20 -22.06 -3.81
C LYS D 15 -5.36 -20.58 -3.48
N ALA D 16 -5.38 -19.74 -4.53
CA ALA D 16 -5.64 -18.35 -4.26
C ALA D 16 -7.13 -18.16 -4.21
N ARG D 17 -7.53 -16.94 -3.88
CA ARG D 17 -8.93 -16.64 -3.96
C ARG D 17 -9.18 -15.46 -4.87
N ILE D 18 -9.49 -15.73 -6.14
CA ILE D 18 -9.64 -14.68 -7.13
C ILE D 18 -11.09 -14.69 -7.66
N ILE D 19 -11.78 -13.57 -7.43
CA ILE D 19 -13.19 -13.44 -7.84
C ILE D 19 -13.21 -13.17 -9.36
N ARG D 20 -13.88 -14.08 -10.04
CA ARG D 20 -14.08 -14.09 -11.47
C ARG D 20 -15.55 -14.35 -11.74
N TYR D 21 -15.91 -14.29 -13.00
CA TYR D 21 -17.26 -14.53 -13.44
C TYR D 21 -17.30 -15.64 -14.42
N PHE D 22 -18.44 -16.33 -14.46
CA PHE D 22 -18.70 -17.38 -15.45
C PHE D 22 -20.12 -17.30 -15.85
N TYR D 23 -20.42 -17.88 -16.99
CA TYR D 23 -21.75 -17.87 -17.47
C TYR D 23 -22.47 -19.13 -16.98
N ASN D 24 -23.60 -18.93 -16.30
CA ASN D 24 -24.47 -20.04 -15.88
C ASN D 24 -25.59 -20.19 -16.87
N ALA D 25 -25.41 -21.09 -17.80
CA ALA D 25 -26.35 -21.27 -18.91
C ALA D 25 -27.84 -21.37 -18.53
N LYS D 26 -28.15 -22.16 -17.51
CA LYS D 26 -29.48 -22.36 -17.00
C LYS D 26 -30.10 -21.07 -16.53
N ALA D 27 -29.44 -20.42 -15.59
CA ALA D 27 -29.91 -19.14 -15.15
C ALA D 27 -29.91 -18.08 -16.28
N GLY D 28 -29.11 -18.28 -17.32
CA GLY D 28 -28.96 -17.29 -18.36
C GLY D 28 -28.32 -16.04 -17.78
N LEU D 29 -27.34 -16.22 -16.88
CA LEU D 29 -26.86 -15.15 -16.02
C LEU D 29 -25.35 -15.31 -15.75
N CYS D 30 -24.61 -14.21 -15.76
CA CYS D 30 -23.21 -14.24 -15.40
C CYS D 30 -23.10 -14.15 -13.91
N GLN D 31 -22.35 -15.05 -13.25
CA GLN D 31 -22.22 -15.05 -11.79
C GLN D 31 -20.82 -15.23 -11.31
N THR D 32 -20.57 -14.88 -10.05
CA THR D 32 -19.23 -14.87 -9.54
C THR D 32 -18.87 -16.26 -9.02
N PHE D 33 -17.58 -16.55 -8.99
CA PHE D 33 -17.05 -17.78 -8.43
C PHE D 33 -15.61 -17.51 -8.05
N VAL D 34 -15.05 -18.41 -7.23
CA VAL D 34 -13.64 -18.30 -6.79
C VAL D 34 -12.75 -19.10 -7.71
N TYR D 35 -11.84 -18.39 -8.35
CA TYR D 35 -10.85 -19.00 -9.20
C TYR D 35 -9.57 -19.13 -8.40
N GLY D 36 -8.94 -20.31 -8.49
CA GLY D 36 -7.68 -20.56 -7.77
C GLY D 36 -6.45 -19.78 -8.21
N GLY D 37 -6.46 -19.21 -9.40
CA GLY D 37 -5.27 -18.46 -9.89
C GLY D 37 -4.44 -19.15 -10.98
N CYS D 38 -4.80 -20.37 -11.37
CA CYS D 38 -4.09 -21.04 -12.43
C CYS D 38 -4.99 -22.04 -13.20
N ARG D 39 -4.62 -22.23 -14.46
CA ARG D 39 -5.35 -23.07 -15.43
C ARG D 39 -6.78 -22.70 -15.73
N ALA D 40 -7.10 -21.41 -15.80
CA ALA D 40 -8.43 -20.98 -16.23
C ALA D 40 -8.88 -21.75 -17.47
N LYS D 41 -10.10 -22.25 -17.44
CA LYS D 41 -10.82 -22.58 -18.71
C LYS D 41 -11.40 -21.29 -19.34
N ARG D 42 -11.99 -21.35 -20.52
CA ARG D 42 -12.47 -20.13 -21.14
C ARG D 42 -13.73 -19.51 -20.52
N ASN D 43 -14.57 -20.30 -19.82
CA ASN D 43 -15.72 -19.72 -19.03
C ASN D 43 -15.26 -19.07 -17.72
N ASN D 44 -14.51 -18.00 -17.87
CA ASN D 44 -13.85 -17.38 -16.73
C ASN D 44 -13.51 -16.00 -17.15
N PHE D 45 -14.24 -14.99 -16.67
CA PHE D 45 -14.01 -13.59 -17.04
C PHE D 45 -13.71 -12.67 -15.85
N LYS D 46 -12.98 -11.64 -16.18
CA LYS D 46 -12.58 -10.64 -15.24
C LYS D 46 -13.73 -9.68 -14.86
N SER D 47 -14.77 -9.49 -15.68
CA SER D 47 -15.95 -8.69 -15.28
C SER D 47 -17.21 -9.36 -15.77
N ALA D 48 -18.34 -8.97 -15.14
CA ALA D 48 -19.66 -9.38 -15.54
C ALA D 48 -19.91 -8.98 -16.95
N GLU D 49 -19.40 -7.82 -17.36
CA GLU D 49 -19.74 -7.26 -18.70
C GLU D 49 -19.02 -8.04 -19.78
N ASP D 50 -17.75 -8.43 -19.55
CA ASP D 50 -17.00 -9.23 -20.53
C ASP D 50 -17.68 -10.58 -20.66
N CYS D 51 -18.11 -11.13 -19.52
CA CYS D 51 -18.83 -12.41 -19.51
C CYS D 51 -20.11 -12.24 -20.32
N MET D 52 -20.89 -11.20 -20.05
CA MET D 52 -22.15 -10.91 -20.78
C MET D 52 -21.96 -10.69 -22.27
N ARG D 53 -20.98 -9.93 -22.68
CA ARG D 53 -20.65 -9.80 -24.10
C ARG D 53 -20.30 -11.14 -24.77
N THR D 54 -19.52 -11.94 -24.10
CA THR D 54 -19.11 -13.20 -24.70
C THR D 54 -20.17 -14.31 -24.66
N CYS D 55 -20.89 -14.48 -23.52
CA CYS D 55 -21.73 -15.67 -23.31
C CYS D 55 -23.26 -15.47 -23.19
CA CA E . 12.68 15.02 -14.02
CA CA F . -9.31 -7.50 11.75
S SO4 G . 9.63 27.30 11.82
O1 SO4 G . 9.44 28.56 12.57
O2 SO4 G . 10.03 27.66 10.44
O3 SO4 G . 10.72 26.46 12.37
O4 SO4 G . 8.33 26.54 11.89
S SO4 H . 5.06 25.37 19.07
O1 SO4 H . 5.66 26.69 18.75
O2 SO4 H . 3.76 25.26 18.33
O3 SO4 H . 4.76 25.26 20.51
O4 SO4 H . 6.01 24.30 18.69
S SO4 I . -5.62 -16.28 -15.61
O1 SO4 I . -5.52 -15.04 -14.84
O2 SO4 I . -4.80 -16.16 -16.83
O3 SO4 I . -7.06 -16.48 -15.98
O4 SO4 I . -5.06 -17.46 -14.87
S SO4 J . -12.56 -25.17 -22.15
O1 SO4 J . -12.76 -25.78 -23.52
O2 SO4 J . -12.20 -23.73 -22.26
O3 SO4 J . -13.88 -25.33 -21.40
O4 SO4 J . -11.35 -25.81 -21.55
#